data_3AU0
#
_entry.id   3AU0
#
_cell.length_a   96.360
_cell.length_b   96.360
_cell.length_c   84.130
_cell.angle_alpha   90.00
_cell.angle_beta   90.00
_cell.angle_gamma   90.00
#
_symmetry.space_group_name_H-M   'P 43 21 2'
#
loop_
_entity.id
_entity.type
_entity.pdbx_description
1 polymer 'Clumping factor B'
2 non-polymer 'MAGNESIUM ION'
3 water water
#
_entity_poly.entity_id   1
_entity_poly.type   'polypeptide(L)'
_entity_poly.pdbx_seq_one_letter_code
;PVVNVADAKGTNVNDKVTASNFKLEKTTFDPNQSGNTFMAANFTVTDKVKSGDYFTAKLPDSLTGNGDVDYSNSNNTMPI
ADIKSTNGDVVAKATYDILTKTYTFVFTDYVNNKENINGQFSLPLFTDRAKAPKSGTYDANINIADEMFNNKITYNYSSP
IAGIDKPNGANISSQIIGVDTASGQNTYKQTVFVNPKQRVLGNTWVYIKGYQDKIEESSGKVSATDTKLRIFEVNDTSKL
SESYYADPNDSNLKEVTDQFKNRIYYEHPNVASIKFGDITKTYVVLVEGHYDNTGKNLKTQVIQENVDPVTNRDYSIFGW
NNENVVRYGGGSADGDSAV
;
_entity_poly.pdbx_strand_id   A
#
# COMPACT_ATOMS: atom_id res chain seq x y z
N PRO A 1 -13.86 -6.60 31.46
CA PRO A 1 -13.62 -5.16 31.25
C PRO A 1 -14.59 -4.46 30.31
N VAL A 2 -15.90 -4.58 30.57
CA VAL A 2 -16.96 -3.92 29.78
C VAL A 2 -17.87 -4.90 29.03
N VAL A 3 -18.41 -4.48 27.87
CA VAL A 3 -19.36 -5.27 27.09
C VAL A 3 -19.24 -5.16 25.56
N ASN A 4 -20.31 -5.56 24.87
CA ASN A 4 -20.41 -5.56 23.42
C ASN A 4 -20.10 -4.24 22.72
N VAL A 5 -19.61 -4.32 21.49
CA VAL A 5 -19.26 -3.12 20.72
C VAL A 5 -19.92 -3.03 19.36
N ALA A 6 -20.03 -4.18 18.67
CA ALA A 6 -20.64 -4.26 17.34
C ALA A 6 -21.27 -2.94 16.91
N ASP A 7 -20.40 -1.95 16.65
CA ASP A 7 -20.78 -0.60 16.22
C ASP A 7 -22.26 -0.23 16.44
N ALA A 8 -22.84 -0.69 17.56
CA ALA A 8 -24.24 -0.42 17.87
C ALA A 8 -24.69 0.93 17.28
N LYS A 9 -24.12 2.02 17.81
CA LYS A 9 -24.43 3.38 17.37
C LYS A 9 -25.91 3.55 16.98
N GLY A 10 -26.20 4.49 16.09
CA GLY A 10 -27.56 4.75 15.65
C GLY A 10 -28.12 3.58 14.85
N THR A 11 -27.68 2.38 15.19
CA THR A 11 -28.13 1.15 14.53
C THR A 11 -27.83 1.09 13.03
N ASN A 12 -27.50 -0.12 12.60
CA ASN A 12 -27.19 -0.44 11.22
C ASN A 12 -28.49 -0.52 10.41
N VAL A 13 -28.58 0.22 9.31
CA VAL A 13 -29.77 0.18 8.49
C VAL A 13 -29.54 -0.41 7.10
N ASN A 14 -28.62 -1.37 7.00
CA ASN A 14 -28.35 -2.01 5.72
C ASN A 14 -29.64 -2.65 5.21
N ASP A 15 -30.53 -2.97 6.16
CA ASP A 15 -31.81 -3.61 5.86
C ASP A 15 -32.81 -2.63 5.22
N LYS A 16 -32.43 -1.37 5.13
CA LYS A 16 -33.31 -0.37 4.54
C LYS A 16 -32.62 0.28 3.34
N VAL A 17 -31.52 -0.31 2.91
CA VAL A 17 -30.77 0.22 1.79
C VAL A 17 -30.49 -0.84 0.73
N THR A 18 -30.86 -0.52 -0.50
CA THR A 18 -30.66 -1.42 -1.62
C THR A 18 -29.68 -0.80 -2.61
N ALA A 19 -28.62 -1.53 -2.89
CA ALA A 19 -27.61 -1.08 -3.83
C ALA A 19 -27.96 -1.70 -5.17
N SER A 20 -27.65 -0.99 -6.25
CA SER A 20 -27.95 -1.50 -7.56
C SER A 20 -27.13 -0.77 -8.61
N ASN A 21 -27.13 -1.31 -9.83
CA ASN A 21 -26.40 -0.70 -10.93
C ASN A 21 -24.90 -0.67 -10.58
N PHE A 22 -24.40 -1.80 -10.08
CA PHE A 22 -22.99 -1.95 -9.69
C PHE A 22 -22.08 -2.00 -10.92
N LYS A 23 -21.04 -1.18 -10.91
CA LYS A 23 -20.11 -1.15 -12.03
C LYS A 23 -18.65 -1.09 -11.58
N LEU A 24 -17.79 -1.77 -12.33
CA LEU A 24 -16.35 -1.77 -12.07
C LEU A 24 -15.68 -1.21 -13.31
N GLU A 25 -14.80 -0.24 -13.08
CA GLU A 25 -14.07 0.40 -14.17
C GLU A 25 -13.36 -0.65 -15.03
N LYS A 26 -12.55 -1.47 -14.39
CA LYS A 26 -11.82 -2.53 -15.08
C LYS A 26 -11.59 -3.68 -14.12
N THR A 27 -11.33 -4.87 -14.68
CA THR A 27 -11.12 -6.06 -13.86
C THR A 27 -9.74 -6.70 -14.01
N THR A 28 -8.88 -6.07 -14.80
CA THR A 28 -7.53 -6.57 -15.01
C THR A 28 -6.56 -5.42 -14.99
N PHE A 29 -5.49 -5.55 -14.20
CA PHE A 29 -4.49 -4.50 -14.10
C PHE A 29 -3.24 -4.92 -13.34
N ASP A 30 -2.22 -4.06 -13.41
CA ASP A 30 -0.93 -4.30 -12.77
C ASP A 30 -0.65 -3.35 -11.60
N PRO A 31 -0.88 -3.81 -10.36
CA PRO A 31 -0.64 -2.97 -9.18
C PRO A 31 0.82 -2.49 -9.02
N ASN A 32 1.76 -3.10 -9.75
CA ASN A 32 3.15 -2.67 -9.65
C ASN A 32 3.47 -1.54 -10.61
N GLN A 33 2.48 -1.15 -11.40
CA GLN A 33 2.63 -0.07 -12.37
C GLN A 33 1.45 0.89 -12.25
N SER A 34 1.16 1.31 -11.01
CA SER A 34 0.05 2.23 -10.77
C SER A 34 -1.31 1.65 -11.15
N GLY A 35 -1.38 0.33 -11.32
CA GLY A 35 -2.65 -0.27 -11.68
C GLY A 35 -3.64 -0.39 -10.54
N ASN A 36 -4.85 0.12 -10.76
CA ASN A 36 -5.91 0.06 -9.76
C ASN A 36 -7.25 0.24 -10.46
N THR A 37 -8.34 0.10 -9.72
CA THR A 37 -9.66 0.23 -10.33
C THR A 37 -10.61 1.14 -9.55
N PHE A 38 -11.88 1.13 -9.95
CA PHE A 38 -12.91 1.97 -9.33
C PHE A 38 -14.25 1.25 -9.33
N MET A 39 -15.11 1.56 -8.37
CA MET A 39 -16.42 0.95 -8.32
C MET A 39 -17.48 2.06 -8.20
N ALA A 40 -18.67 1.77 -8.71
CA ALA A 40 -19.77 2.72 -8.65
C ALA A 40 -21.08 1.98 -8.50
N ALA A 41 -21.97 2.55 -7.71
CA ALA A 41 -23.27 1.92 -7.51
C ALA A 41 -24.34 2.93 -7.13
N ASN A 42 -25.59 2.53 -7.38
CA ASN A 42 -26.74 3.36 -7.05
C ASN A 42 -27.31 2.78 -5.76
N PHE A 43 -28.01 3.61 -5.00
CA PHE A 43 -28.62 3.14 -3.77
C PHE A 43 -29.85 3.95 -3.42
N THR A 44 -30.87 3.26 -2.92
CA THR A 44 -32.12 3.89 -2.53
C THR A 44 -32.47 3.45 -1.12
N VAL A 45 -32.98 4.39 -0.31
CA VAL A 45 -33.36 4.07 1.06
C VAL A 45 -34.83 3.62 0.99
N THR A 46 -35.07 2.35 1.33
CA THR A 46 -36.41 1.78 1.26
C THR A 46 -37.38 2.09 2.39
N ASP A 47 -36.85 2.51 3.53
CA ASP A 47 -37.69 2.86 4.67
C ASP A 47 -37.20 4.14 5.32
N LYS A 48 -37.97 4.64 6.29
CA LYS A 48 -37.61 5.85 6.99
C LYS A 48 -36.38 5.63 7.86
N VAL A 49 -35.42 6.54 7.76
CA VAL A 49 -34.20 6.47 8.56
C VAL A 49 -33.94 7.82 9.21
N LYS A 50 -33.08 7.82 10.21
CA LYS A 50 -32.75 9.03 10.97
C LYS A 50 -31.29 9.42 10.85
N SER A 51 -30.95 10.54 11.47
CA SER A 51 -29.58 11.04 11.49
C SER A 51 -28.83 10.17 12.48
N GLY A 52 -27.78 9.50 12.01
CA GLY A 52 -27.03 8.62 12.89
C GLY A 52 -27.16 7.19 12.40
N ASP A 53 -28.14 6.93 11.54
CA ASP A 53 -28.33 5.61 10.97
C ASP A 53 -27.25 5.45 9.92
N TYR A 54 -26.74 4.23 9.74
CA TYR A 54 -25.67 4.02 8.79
C TYR A 54 -25.74 2.68 8.07
N PHE A 55 -25.21 2.65 6.85
CA PHE A 55 -25.17 1.42 6.07
C PHE A 55 -23.70 1.20 5.70
N THR A 56 -23.35 -0.03 5.35
CA THR A 56 -21.95 -0.34 5.05
C THR A 56 -21.69 -1.08 3.75
N ALA A 57 -20.40 -1.18 3.43
CA ALA A 57 -19.91 -1.90 2.26
C ALA A 57 -18.66 -2.63 2.75
N LYS A 58 -18.55 -3.91 2.40
CA LYS A 58 -17.43 -4.72 2.83
C LYS A 58 -16.63 -5.22 1.63
N LEU A 59 -15.31 -5.12 1.71
CA LEU A 59 -14.46 -5.59 0.62
C LEU A 59 -13.94 -7.00 0.90
N PRO A 60 -13.77 -7.79 -0.17
CA PRO A 60 -13.27 -9.16 -0.05
C PRO A 60 -11.76 -9.17 0.19
N ASP A 61 -11.20 -10.36 0.40
CA ASP A 61 -9.77 -10.51 0.63
C ASP A 61 -8.89 -9.88 -0.43
N SER A 62 -9.35 -9.91 -1.67
CA SER A 62 -8.54 -9.40 -2.79
C SER A 62 -8.45 -7.90 -2.98
N LEU A 63 -9.22 -7.13 -2.23
CA LEU A 63 -9.19 -5.69 -2.41
C LEU A 63 -8.99 -4.88 -1.13
N THR A 64 -8.58 -3.63 -1.30
CA THR A 64 -8.42 -2.70 -0.19
C THR A 64 -8.92 -1.38 -0.69
N GLY A 65 -9.30 -0.50 0.24
CA GLY A 65 -9.80 0.80 -0.15
C GLY A 65 -8.72 1.86 -0.12
N ASN A 66 -7.59 1.53 0.50
CA ASN A 66 -6.50 2.49 0.62
C ASN A 66 -5.31 2.25 -0.29
N GLY A 67 -5.11 1.02 -0.74
CA GLY A 67 -3.99 0.73 -1.60
C GLY A 67 -2.63 0.99 -0.94
N ASP A 68 -1.75 1.71 -1.64
CA ASP A 68 -0.43 1.98 -1.12
C ASP A 68 -0.34 3.18 -0.18
N VAL A 69 -1.47 3.76 0.18
CA VAL A 69 -1.49 4.89 1.10
C VAL A 69 -1.67 4.33 2.50
N ASP A 70 -0.63 4.46 3.32
CA ASP A 70 -0.66 3.94 4.66
C ASP A 70 -1.44 4.86 5.61
N TYR A 71 -2.31 4.27 6.42
CA TYR A 71 -3.10 5.02 7.38
C TYR A 71 -2.88 4.55 8.82
N SER A 72 -1.85 3.74 9.01
CA SER A 72 -1.53 3.22 10.33
C SER A 72 -1.21 4.33 11.34
N ASN A 73 -0.79 5.49 10.85
CA ASN A 73 -0.49 6.60 11.74
C ASN A 73 -1.72 7.51 11.88
N SER A 74 -2.87 7.02 11.43
CA SER A 74 -4.13 7.78 11.51
C SER A 74 -5.26 6.89 12.05
N ASN A 75 -4.97 6.15 13.11
CA ASN A 75 -5.94 5.26 13.73
C ASN A 75 -6.41 4.17 12.77
N ASN A 76 -5.61 3.93 11.74
CA ASN A 76 -5.91 2.92 10.75
C ASN A 76 -7.30 3.16 10.15
N THR A 77 -7.63 4.43 9.96
CA THR A 77 -8.91 4.85 9.42
C THR A 77 -8.63 5.73 8.21
N MET A 78 -9.38 5.54 7.13
CA MET A 78 -9.16 6.34 5.94
C MET A 78 -10.34 7.25 5.63
N PRO A 79 -10.10 8.58 5.57
CA PRO A 79 -11.17 9.54 5.27
C PRO A 79 -11.69 9.33 3.86
N ILE A 80 -12.99 9.49 3.68
CA ILE A 80 -13.60 9.31 2.37
C ILE A 80 -14.61 10.40 2.03
N ALA A 81 -14.60 10.81 0.76
CA ALA A 81 -15.50 11.83 0.26
C ALA A 81 -16.94 11.50 0.64
N ASP A 82 -17.63 12.48 1.23
CA ASP A 82 -19.00 12.26 1.63
C ASP A 82 -19.98 12.33 0.46
N ILE A 83 -21.19 11.85 0.71
CA ILE A 83 -22.25 11.88 -0.29
C ILE A 83 -22.97 13.19 -0.06
N LYS A 84 -22.97 14.05 -1.07
CA LYS A 84 -23.60 15.36 -0.94
C LYS A 84 -24.92 15.52 -1.66
N SER A 85 -25.71 16.48 -1.19
CA SER A 85 -27.01 16.79 -1.77
C SER A 85 -26.78 17.91 -2.78
N THR A 86 -27.81 18.24 -3.57
CA THR A 86 -27.69 19.30 -4.55
C THR A 86 -27.28 20.60 -3.86
N ASN A 87 -27.86 20.84 -2.70
CA ASN A 87 -27.56 22.04 -1.92
C ASN A 87 -26.10 21.99 -1.47
N GLY A 88 -25.55 20.79 -1.44
CA GLY A 88 -24.17 20.63 -1.03
C GLY A 88 -24.08 20.10 0.39
N ASP A 89 -25.23 19.99 1.05
CA ASP A 89 -25.24 19.47 2.41
C ASP A 89 -24.83 18.00 2.38
N VAL A 90 -24.26 17.54 3.48
CA VAL A 90 -23.82 16.16 3.57
C VAL A 90 -25.00 15.25 3.90
N VAL A 91 -25.28 14.30 3.01
CA VAL A 91 -26.35 13.35 3.23
C VAL A 91 -25.81 12.24 4.12
N ALA A 92 -24.51 11.98 3.99
CA ALA A 92 -23.85 10.94 4.76
C ALA A 92 -22.33 11.10 4.80
N LYS A 93 -21.75 10.83 5.96
CA LYS A 93 -20.30 10.93 6.15
C LYS A 93 -19.68 9.56 5.88
N ALA A 94 -18.63 9.51 5.06
CA ALA A 94 -17.99 8.24 4.71
C ALA A 94 -16.63 8.04 5.38
N THR A 95 -16.38 6.81 5.81
CA THR A 95 -15.14 6.42 6.46
C THR A 95 -14.81 4.97 6.12
N TYR A 96 -13.53 4.68 5.93
CA TYR A 96 -13.09 3.32 5.61
C TYR A 96 -12.20 2.77 6.73
N ASP A 97 -12.58 1.61 7.26
CA ASP A 97 -11.80 0.98 8.31
C ASP A 97 -10.82 0.04 7.62
N ILE A 98 -9.52 0.36 7.67
CA ILE A 98 -8.52 -0.49 7.04
C ILE A 98 -8.60 -1.93 7.56
N LEU A 99 -8.66 -2.09 8.88
CA LEU A 99 -8.71 -3.41 9.50
C LEU A 99 -9.85 -4.31 9.02
N THR A 100 -11.06 -3.78 9.00
CA THR A 100 -12.22 -4.57 8.59
C THR A 100 -12.63 -4.34 7.13
N LYS A 101 -11.80 -3.62 6.39
CA LYS A 101 -12.08 -3.32 4.98
C LYS A 101 -13.56 -2.98 4.81
N THR A 102 -14.06 -2.16 5.72
CA THR A 102 -15.45 -1.76 5.69
C THR A 102 -15.64 -0.26 5.55
N TYR A 103 -16.60 0.12 4.70
CA TYR A 103 -16.93 1.52 4.49
C TYR A 103 -18.18 1.75 5.31
N THR A 104 -18.21 2.86 6.04
CA THR A 104 -19.37 3.19 6.83
C THR A 104 -19.90 4.55 6.40
N PHE A 105 -21.15 4.58 5.96
CA PHE A 105 -21.79 5.81 5.54
C PHE A 105 -22.81 6.19 6.60
N VAL A 106 -22.55 7.26 7.33
CA VAL A 106 -23.47 7.70 8.38
C VAL A 106 -24.36 8.86 7.94
N PHE A 107 -25.66 8.64 7.90
CA PHE A 107 -26.62 9.67 7.50
C PHE A 107 -26.68 10.81 8.52
N THR A 108 -26.86 12.02 8.01
CA THR A 108 -26.93 13.21 8.84
C THR A 108 -28.39 13.62 9.09
N ASP A 109 -28.59 14.85 9.54
CA ASP A 109 -29.94 15.36 9.81
C ASP A 109 -30.75 15.49 8.54
N TYR A 110 -30.06 15.74 7.43
CA TYR A 110 -30.71 15.87 6.13
C TYR A 110 -31.72 14.76 5.91
N VAL A 111 -31.48 13.62 6.53
CA VAL A 111 -32.33 12.44 6.38
C VAL A 111 -33.57 12.39 7.29
N ASN A 112 -33.57 13.18 8.35
CA ASN A 112 -34.67 13.21 9.30
C ASN A 112 -36.07 12.97 8.73
N ASN A 113 -36.73 14.02 8.23
CA ASN A 113 -38.06 13.84 7.66
C ASN A 113 -38.02 13.90 6.14
N LYS A 114 -37.38 12.90 5.54
CA LYS A 114 -37.25 12.83 4.09
C LYS A 114 -37.61 11.44 3.61
N GLU A 115 -38.08 11.36 2.37
CA GLU A 115 -38.46 10.09 1.76
C GLU A 115 -37.93 10.06 0.34
N ASN A 116 -37.89 8.86 -0.24
CA ASN A 116 -37.39 8.67 -1.59
C ASN A 116 -35.93 9.05 -1.70
N ILE A 117 -35.21 8.98 -0.57
CA ILE A 117 -33.79 9.30 -0.56
C ILE A 117 -33.15 8.33 -1.54
N ASN A 118 -32.61 8.88 -2.62
CA ASN A 118 -32.03 8.08 -3.68
C ASN A 118 -30.74 8.74 -4.20
N GLY A 119 -29.73 7.93 -4.49
CA GLY A 119 -28.47 8.48 -4.98
C GLY A 119 -27.48 7.47 -5.52
N GLN A 120 -26.20 7.82 -5.45
CA GLN A 120 -25.14 6.94 -5.92
C GLN A 120 -23.79 7.34 -5.34
N PHE A 121 -22.79 6.48 -5.54
CA PHE A 121 -21.46 6.76 -5.04
C PHE A 121 -20.42 5.89 -5.74
N SER A 122 -19.19 6.38 -5.79
CA SER A 122 -18.11 5.64 -6.41
C SER A 122 -16.88 5.68 -5.51
N LEU A 123 -16.11 4.59 -5.50
CA LEU A 123 -14.94 4.53 -4.64
C LEU A 123 -13.76 3.90 -5.34
N PRO A 124 -12.54 4.35 -4.97
CA PRO A 124 -11.32 3.81 -5.57
C PRO A 124 -11.12 2.42 -4.95
N LEU A 125 -10.56 1.50 -5.72
CA LEU A 125 -10.30 0.16 -5.21
C LEU A 125 -8.91 -0.28 -5.65
N PHE A 126 -8.22 -1.00 -4.77
CA PHE A 126 -6.87 -1.46 -5.05
C PHE A 126 -6.69 -2.92 -4.65
N THR A 127 -5.50 -3.44 -4.97
CA THR A 127 -5.19 -4.82 -4.61
C THR A 127 -4.81 -4.88 -3.14
N ASP A 128 -4.92 -6.07 -2.57
CA ASP A 128 -4.52 -6.29 -1.19
C ASP A 128 -3.21 -7.02 -1.44
N ARG A 129 -2.12 -6.29 -1.46
CA ARG A 129 -0.81 -6.89 -1.74
C ARG A 129 -0.50 -8.12 -0.87
N ALA A 130 -1.10 -8.19 0.31
CA ALA A 130 -0.85 -9.32 1.20
C ALA A 130 -1.71 -10.56 0.95
N LYS A 131 -2.98 -10.35 0.58
CA LYS A 131 -3.87 -11.49 0.35
C LYS A 131 -3.98 -11.93 -1.11
N ALA A 132 -3.42 -11.12 -2.01
CA ALA A 132 -3.38 -11.45 -3.42
C ALA A 132 -1.91 -11.28 -3.78
N PRO A 133 -1.03 -12.06 -3.11
CA PRO A 133 0.43 -12.07 -3.26
C PRO A 133 0.96 -12.39 -4.64
N LYS A 134 0.31 -13.32 -5.33
CA LYS A 134 0.75 -13.75 -6.64
C LYS A 134 -0.12 -13.25 -7.78
N SER A 135 0.47 -13.17 -8.96
CA SER A 135 -0.27 -12.76 -10.14
C SER A 135 -1.30 -13.84 -10.40
N GLY A 136 -2.47 -13.45 -10.88
CA GLY A 136 -3.51 -14.41 -11.14
C GLY A 136 -4.88 -13.80 -10.97
N THR A 137 -5.91 -14.63 -11.02
CA THR A 137 -7.29 -14.18 -10.88
C THR A 137 -7.86 -14.55 -9.52
N TYR A 138 -8.62 -13.61 -8.94
CA TYR A 138 -9.23 -13.81 -7.64
C TYR A 138 -10.69 -13.40 -7.64
N ASP A 139 -11.44 -13.91 -6.66
CA ASP A 139 -12.82 -13.53 -6.51
C ASP A 139 -12.76 -12.15 -5.86
N ALA A 140 -13.59 -11.23 -6.34
CA ALA A 140 -13.62 -9.89 -5.82
C ALA A 140 -15.07 -9.53 -5.55
N ASN A 141 -15.72 -10.37 -4.76
CA ASN A 141 -17.13 -10.15 -4.46
C ASN A 141 -17.27 -9.07 -3.39
N ILE A 142 -18.06 -8.06 -3.72
CA ILE A 142 -18.28 -6.93 -2.82
C ILE A 142 -19.67 -6.89 -2.22
N ASN A 143 -19.73 -6.60 -0.92
CA ASN A 143 -20.98 -6.55 -0.19
C ASN A 143 -21.38 -5.10 0.09
N ILE A 144 -22.54 -4.70 -0.40
CA ILE A 144 -23.07 -3.36 -0.17
C ILE A 144 -24.47 -3.48 0.42
N ALA A 145 -24.66 -3.03 1.65
CA ALA A 145 -25.94 -3.10 2.33
C ALA A 145 -26.52 -4.51 2.39
N ASP A 146 -25.68 -5.48 2.76
CA ASP A 146 -26.06 -6.88 2.85
C ASP A 146 -26.54 -7.47 1.54
N GLU A 147 -25.86 -7.09 0.46
CA GLU A 147 -26.17 -7.56 -0.87
C GLU A 147 -24.83 -7.84 -1.53
N MET A 148 -24.73 -8.96 -2.25
CA MET A 148 -23.48 -9.30 -2.92
C MET A 148 -23.45 -8.92 -4.39
N PHE A 149 -22.29 -8.45 -4.83
CA PHE A 149 -22.10 -8.10 -6.22
C PHE A 149 -20.79 -8.78 -6.61
N ASN A 150 -20.92 -9.95 -7.20
CA ASN A 150 -19.78 -10.76 -7.60
C ASN A 150 -18.90 -10.17 -8.68
N ASN A 151 -17.60 -10.42 -8.54
CA ASN A 151 -16.63 -9.92 -9.51
C ASN A 151 -15.42 -10.84 -9.54
N LYS A 152 -14.61 -10.68 -10.57
CA LYS A 152 -13.40 -11.45 -10.72
C LYS A 152 -12.33 -10.50 -11.24
N ILE A 153 -11.26 -10.34 -10.48
CA ILE A 153 -10.19 -9.45 -10.87
C ILE A 153 -8.92 -10.22 -11.13
N THR A 154 -8.22 -9.82 -12.18
CA THR A 154 -6.97 -10.49 -12.53
C THR A 154 -5.82 -9.51 -12.30
N TYR A 155 -4.84 -9.94 -11.52
CA TYR A 155 -3.68 -9.11 -11.23
C TYR A 155 -2.47 -9.60 -12.03
N ASN A 156 -1.96 -8.74 -12.90
CA ASN A 156 -0.77 -9.09 -13.66
C ASN A 156 0.35 -8.24 -13.06
N TYR A 157 0.87 -8.65 -11.91
CA TYR A 157 1.93 -7.88 -11.26
C TYR A 157 3.19 -7.93 -12.12
N SER A 158 3.79 -6.77 -12.38
CA SER A 158 5.04 -6.77 -13.12
C SER A 158 5.95 -7.62 -12.24
N SER A 159 6.57 -8.64 -12.81
CA SER A 159 7.43 -9.52 -12.04
C SER A 159 8.58 -8.88 -11.27
N PRO A 160 8.72 -9.24 -9.98
CA PRO A 160 9.77 -8.72 -9.12
C PRO A 160 11.12 -9.32 -9.50
N ILE A 161 11.07 -10.47 -10.14
CA ILE A 161 12.28 -11.18 -10.56
C ILE A 161 12.83 -10.60 -11.86
N ALA A 162 13.76 -9.66 -11.72
CA ALA A 162 14.36 -9.01 -12.88
C ALA A 162 15.83 -8.69 -12.65
N GLY A 163 16.57 -8.55 -13.76
CA GLY A 163 17.99 -8.24 -13.68
C GLY A 163 18.70 -8.47 -15.01
N ILE A 164 20.02 -8.32 -15.00
CA ILE A 164 20.82 -8.49 -16.20
C ILE A 164 20.61 -9.88 -16.81
N ASP A 165 20.58 -9.96 -18.14
CA ASP A 165 20.41 -11.25 -18.79
C ASP A 165 21.79 -11.88 -18.95
N LYS A 166 22.30 -12.43 -17.86
CA LYS A 166 23.61 -13.05 -17.82
C LYS A 166 23.54 -14.09 -16.71
N PRO A 167 24.07 -15.30 -16.94
CA PRO A 167 24.07 -16.38 -15.95
C PRO A 167 24.20 -15.92 -14.50
N ASN A 168 25.05 -14.92 -14.27
CA ASN A 168 25.21 -14.41 -12.91
C ASN A 168 25.33 -12.91 -12.88
N GLY A 169 24.42 -12.27 -13.60
CA GLY A 169 24.41 -10.82 -13.67
C GLY A 169 23.64 -10.23 -12.51
N ALA A 170 23.99 -8.99 -12.16
CA ALA A 170 23.33 -8.29 -11.07
C ALA A 170 21.82 -8.34 -11.28
N ASN A 171 21.07 -8.43 -10.19
CA ASN A 171 19.62 -8.48 -10.30
C ASN A 171 18.96 -8.06 -8.98
N ILE A 172 18.15 -7.03 -9.05
CA ILE A 172 17.46 -6.53 -7.87
C ILE A 172 16.14 -5.89 -8.27
N SER A 173 15.22 -5.76 -7.32
CA SER A 173 13.91 -5.17 -7.60
C SER A 173 13.32 -4.52 -6.35
N SER A 174 12.33 -3.66 -6.52
CA SER A 174 11.72 -3.01 -5.36
C SER A 174 10.34 -2.45 -5.65
N GLN A 175 9.71 -1.97 -4.58
CA GLN A 175 8.38 -1.39 -4.69
C GLN A 175 8.03 -0.70 -3.39
N ILE A 176 7.52 0.53 -3.47
CA ILE A 176 7.11 1.24 -2.26
C ILE A 176 5.66 0.81 -2.10
N ILE A 177 5.37 0.07 -1.03
CA ILE A 177 4.02 -0.43 -0.83
C ILE A 177 3.23 0.26 0.28
N GLY A 178 3.79 1.34 0.80
CA GLY A 178 3.13 2.08 1.85
C GLY A 178 3.68 3.49 2.02
N VAL A 179 2.82 4.49 1.83
CA VAL A 179 3.23 5.88 2.00
C VAL A 179 2.19 6.59 2.86
N ASP A 180 2.66 7.20 3.95
CA ASP A 180 1.80 7.94 4.86
C ASP A 180 1.77 9.39 4.41
N THR A 181 0.67 9.81 3.83
CA THR A 181 0.56 11.17 3.33
C THR A 181 -0.39 12.02 4.14
N ALA A 182 -0.98 11.44 5.19
CA ALA A 182 -1.95 12.17 5.99
C ALA A 182 -1.55 12.58 7.41
N SER A 183 -0.93 11.66 8.16
CA SER A 183 -0.55 11.94 9.54
C SER A 183 0.42 13.10 9.74
N GLY A 184 1.31 13.33 8.79
CA GLY A 184 2.29 14.39 8.94
C GLY A 184 3.68 13.84 9.21
N GLN A 185 3.75 12.57 9.59
CA GLN A 185 5.04 11.96 9.88
C GLN A 185 5.86 11.67 8.63
N ASN A 186 5.20 11.56 7.48
CA ASN A 186 5.88 11.31 6.22
C ASN A 186 6.74 10.04 6.18
N THR A 187 6.13 8.90 6.49
CA THR A 187 6.85 7.64 6.45
C THR A 187 6.50 6.87 5.20
N TYR A 188 7.35 5.93 4.83
CA TYR A 188 7.07 5.08 3.69
C TYR A 188 7.61 3.69 3.97
N LYS A 189 6.99 2.70 3.35
CA LYS A 189 7.39 1.31 3.51
C LYS A 189 7.74 0.83 2.12
N GLN A 190 8.93 0.26 1.99
CA GLN A 190 9.42 -0.24 0.72
C GLN A 190 10.02 -1.63 0.90
N THR A 191 9.71 -2.53 -0.04
CA THR A 191 10.22 -3.87 0.00
C THR A 191 11.24 -4.00 -1.12
N VAL A 192 12.40 -4.54 -0.81
CA VAL A 192 13.45 -4.71 -1.80
C VAL A 192 13.79 -6.20 -1.89
N PHE A 193 13.90 -6.69 -3.11
CA PHE A 193 14.26 -8.09 -3.34
C PHE A 193 15.67 -8.06 -3.91
N VAL A 194 16.64 -8.53 -3.15
CA VAL A 194 18.02 -8.58 -3.64
C VAL A 194 18.27 -9.98 -4.19
N ASN A 195 18.76 -10.04 -5.42
CA ASN A 195 19.05 -11.30 -6.08
C ASN A 195 17.86 -12.25 -6.10
N PRO A 196 16.71 -11.81 -6.66
CA PRO A 196 15.54 -12.67 -6.72
C PRO A 196 15.74 -13.78 -7.75
N LYS A 197 16.83 -13.66 -8.52
CA LYS A 197 17.18 -14.64 -9.55
C LYS A 197 17.89 -15.83 -8.91
N GLN A 198 18.28 -15.70 -7.65
CA GLN A 198 18.97 -16.76 -6.94
C GLN A 198 20.31 -17.12 -7.57
N ARG A 199 20.96 -16.14 -8.17
CA ARG A 199 22.25 -16.35 -8.80
C ARG A 199 23.37 -16.30 -7.76
N VAL A 200 24.55 -16.78 -8.12
CA VAL A 200 25.69 -16.75 -7.21
C VAL A 200 26.46 -15.49 -7.51
N LEU A 201 26.45 -14.55 -6.56
CA LEU A 201 27.12 -13.28 -6.77
C LEU A 201 28.26 -13.00 -5.82
N GLY A 202 29.39 -12.59 -6.38
CA GLY A 202 30.56 -12.30 -5.57
C GLY A 202 30.70 -10.83 -5.20
N ASN A 203 31.18 -10.59 -3.98
CA ASN A 203 31.41 -9.25 -3.47
C ASN A 203 30.29 -8.30 -3.84
N THR A 204 29.06 -8.71 -3.59
CA THR A 204 27.93 -7.85 -3.96
C THR A 204 27.60 -6.75 -2.98
N TRP A 205 27.22 -5.61 -3.55
CA TRP A 205 26.83 -4.43 -2.79
C TRP A 205 25.46 -4.00 -3.28
N VAL A 206 24.67 -3.44 -2.37
CA VAL A 206 23.34 -2.95 -2.67
C VAL A 206 23.23 -1.51 -2.18
N TYR A 207 22.66 -0.64 -3.00
CA TYR A 207 22.48 0.75 -2.60
C TYR A 207 21.01 1.12 -2.66
N ILE A 208 20.54 1.71 -1.58
CA ILE A 208 19.16 2.15 -1.51
C ILE A 208 19.18 3.68 -1.47
N LYS A 209 18.90 4.28 -2.62
CA LYS A 209 18.90 5.73 -2.75
C LYS A 209 17.53 6.36 -2.61
N GLY A 210 17.50 7.52 -1.95
CA GLY A 210 16.25 8.24 -1.75
C GLY A 210 15.97 9.20 -2.88
N TYR A 211 16.58 8.95 -4.03
CA TYR A 211 16.40 9.77 -5.22
C TYR A 211 16.85 8.92 -6.38
N GLN A 212 16.67 9.43 -7.60
CA GLN A 212 17.09 8.69 -8.78
C GLN A 212 18.33 9.31 -9.44
N ASP A 213 18.19 10.48 -10.03
CA ASP A 213 19.32 11.14 -10.68
C ASP A 213 19.65 12.46 -10.03
N LYS A 214 18.61 13.21 -9.69
CA LYS A 214 18.82 14.51 -9.06
C LYS A 214 18.21 14.49 -7.67
N ILE A 215 19.08 14.58 -6.66
CA ILE A 215 18.64 14.58 -5.27
C ILE A 215 17.51 15.56 -5.00
N GLU A 216 17.53 16.71 -5.67
CA GLU A 216 16.51 17.75 -5.50
C GLU A 216 15.16 17.41 -6.13
N GLU A 217 15.11 16.37 -6.95
CA GLU A 217 13.86 15.99 -7.61
C GLU A 217 13.01 15.02 -6.78
N SER A 218 13.56 14.56 -5.67
CA SER A 218 12.85 13.62 -4.81
C SER A 218 12.77 14.11 -3.37
N SER A 219 11.71 13.70 -2.68
CA SER A 219 11.49 14.08 -1.29
C SER A 219 12.10 13.05 -0.35
N GLY A 220 12.58 11.94 -0.92
CA GLY A 220 13.15 10.89 -0.12
C GLY A 220 14.29 11.29 0.80
N LYS A 221 14.24 10.79 2.02
CA LYS A 221 15.29 11.06 3.02
C LYS A 221 15.80 9.73 3.54
N VAL A 222 17.01 9.37 3.12
CA VAL A 222 17.63 8.14 3.55
C VAL A 222 18.88 8.49 4.33
N SER A 223 18.90 8.09 5.59
CA SER A 223 20.06 8.36 6.44
C SER A 223 19.98 7.44 7.65
N ALA A 224 21.02 7.49 8.47
CA ALA A 224 21.08 6.66 9.67
C ALA A 224 19.92 6.95 10.61
N THR A 225 19.46 8.20 10.63
CA THR A 225 18.35 8.61 11.51
C THR A 225 16.97 8.49 10.87
N ASP A 226 16.91 8.61 9.54
CA ASP A 226 15.65 8.54 8.84
C ASP A 226 15.28 7.15 8.32
N THR A 227 16.25 6.25 8.25
CA THR A 227 15.97 4.93 7.72
C THR A 227 16.22 3.77 8.66
N LYS A 228 15.33 2.78 8.58
CA LYS A 228 15.43 1.58 9.40
C LYS A 228 15.36 0.39 8.46
N LEU A 229 16.36 -0.48 8.53
CA LEU A 229 16.42 -1.65 7.66
C LEU A 229 16.44 -2.97 8.42
N ARG A 230 15.73 -3.95 7.87
CA ARG A 230 15.69 -5.29 8.43
C ARG A 230 15.94 -6.20 7.23
N ILE A 231 16.89 -7.13 7.36
CA ILE A 231 17.27 -8.00 6.27
C ILE A 231 16.92 -9.47 6.50
N PHE A 232 16.33 -10.10 5.49
CA PHE A 232 15.92 -11.50 5.62
C PHE A 232 16.41 -12.40 4.49
N GLU A 233 16.71 -13.64 4.87
CA GLU A 233 17.15 -14.64 3.92
C GLU A 233 15.90 -15.37 3.45
N VAL A 234 15.73 -15.50 2.14
CA VAL A 234 14.57 -16.18 1.58
C VAL A 234 14.88 -17.67 1.43
N ASN A 235 14.03 -18.52 2.00
CA ASN A 235 14.25 -19.96 1.91
C ASN A 235 13.76 -20.55 0.59
N ASP A 236 12.57 -20.15 0.17
CA ASP A 236 12.00 -20.62 -1.10
C ASP A 236 11.56 -19.39 -1.90
N THR A 237 12.40 -18.95 -2.83
CA THR A 237 12.12 -17.77 -3.64
C THR A 237 10.80 -17.81 -4.42
N SER A 238 10.32 -19.00 -4.77
CA SER A 238 9.07 -19.08 -5.51
C SER A 238 7.87 -18.79 -4.59
N LYS A 239 8.08 -18.88 -3.29
CA LYS A 239 7.03 -18.58 -2.33
C LYS A 239 6.98 -17.09 -2.04
N LEU A 240 7.93 -16.37 -2.61
CA LEU A 240 8.04 -14.93 -2.45
C LEU A 240 6.91 -14.28 -3.27
N SER A 241 6.26 -13.28 -2.67
CA SER A 241 5.16 -12.61 -3.36
C SER A 241 5.61 -11.81 -4.59
N GLU A 242 4.65 -11.46 -5.44
CA GLU A 242 4.92 -10.69 -6.64
C GLU A 242 4.44 -9.26 -6.43
N SER A 243 3.70 -9.06 -5.34
CA SER A 243 3.15 -7.76 -4.97
C SER A 243 4.11 -7.04 -4.03
N TYR A 244 5.20 -7.72 -3.70
CA TYR A 244 6.22 -7.18 -2.80
C TYR A 244 5.85 -7.17 -1.34
N TYR A 245 4.66 -7.67 -1.02
CA TYR A 245 4.27 -7.72 0.38
C TYR A 245 5.20 -8.75 1.04
N ALA A 246 5.78 -8.39 2.17
CA ALA A 246 6.67 -9.31 2.84
C ALA A 246 6.62 -9.11 4.34
N ASP A 247 5.95 -10.02 5.02
CA ASP A 247 5.81 -9.98 6.45
C ASP A 247 7.10 -10.45 7.14
N PRO A 248 7.72 -9.59 7.96
CA PRO A 248 8.95 -9.97 8.64
C PRO A 248 8.85 -11.27 9.43
N ASN A 249 7.63 -11.64 9.81
CA ASN A 249 7.42 -12.87 10.58
C ASN A 249 7.11 -14.08 9.70
N ASP A 250 7.21 -13.90 8.39
CA ASP A 250 6.93 -14.97 7.42
C ASP A 250 7.91 -16.13 7.66
N SER A 251 7.39 -17.35 7.66
CA SER A 251 8.19 -18.55 7.88
C SER A 251 9.20 -18.80 6.78
N ASN A 252 8.92 -18.24 5.60
CA ASN A 252 9.80 -18.41 4.45
C ASN A 252 10.97 -17.43 4.53
N LEU A 253 10.98 -16.61 5.58
CA LEU A 253 12.04 -15.62 5.78
C LEU A 253 12.82 -15.84 7.07
N LYS A 254 14.15 -15.76 6.98
CA LYS A 254 15.00 -15.90 8.15
C LYS A 254 15.70 -14.57 8.33
N GLU A 255 15.38 -13.87 9.41
CA GLU A 255 15.97 -12.57 9.67
C GLU A 255 17.47 -12.66 10.00
N VAL A 256 18.26 -11.91 9.25
CA VAL A 256 19.71 -11.86 9.43
C VAL A 256 20.14 -10.42 9.65
N THR A 257 19.22 -9.60 10.12
CA THR A 257 19.48 -8.19 10.38
C THR A 257 20.68 -7.96 11.29
N ASP A 258 20.70 -8.64 12.43
CA ASP A 258 21.81 -8.49 13.36
C ASP A 258 23.15 -8.74 12.69
N GLN A 259 23.23 -9.81 11.90
CA GLN A 259 24.47 -10.14 11.20
C GLN A 259 24.94 -8.99 10.31
N PHE A 260 24.06 -8.05 10.01
CA PHE A 260 24.43 -6.92 9.18
C PHE A 260 24.72 -5.67 9.98
N LYS A 261 24.88 -5.82 11.28
CA LYS A 261 25.19 -4.70 12.16
C LYS A 261 26.21 -3.76 11.52
N ASN A 262 27.34 -4.33 11.10
CA ASN A 262 28.40 -3.53 10.52
C ASN A 262 28.59 -3.71 9.02
N ARG A 263 27.51 -4.02 8.33
CA ARG A 263 27.56 -4.20 6.88
C ARG A 263 26.67 -3.18 6.20
N ILE A 264 26.16 -2.24 7.00
CA ILE A 264 25.31 -1.18 6.51
C ILE A 264 26.03 0.15 6.69
N TYR A 265 26.21 0.89 5.60
CA TYR A 265 26.93 2.15 5.68
C TYR A 265 26.18 3.33 5.04
N TYR A 266 26.36 4.49 5.65
CA TYR A 266 25.76 5.71 5.13
C TYR A 266 26.94 6.55 4.70
N GLU A 267 27.49 6.21 3.54
CA GLU A 267 28.65 6.91 3.01
C GLU A 267 28.28 8.16 2.22
N HIS A 268 27.35 8.01 1.29
CA HIS A 268 26.95 9.14 0.48
C HIS A 268 25.57 9.66 0.80
N PRO A 269 25.39 10.97 0.68
CA PRO A 269 24.10 11.62 0.95
C PRO A 269 22.92 10.94 0.30
N ASN A 270 21.91 10.66 1.12
CA ASN A 270 20.69 10.03 0.66
C ASN A 270 20.89 8.63 0.09
N VAL A 271 21.95 7.95 0.54
CA VAL A 271 22.24 6.61 0.08
C VAL A 271 22.66 5.69 1.21
N ALA A 272 22.00 4.54 1.31
CA ALA A 272 22.33 3.53 2.31
C ALA A 272 23.07 2.45 1.52
N SER A 273 24.25 2.06 1.98
CA SER A 273 25.03 1.04 1.29
C SER A 273 25.07 -0.26 2.09
N ILE A 274 24.79 -1.37 1.44
CA ILE A 274 24.80 -2.65 2.12
C ILE A 274 25.82 -3.60 1.50
N LYS A 275 26.66 -4.16 2.34
CA LYS A 275 27.69 -5.08 1.89
C LYS A 275 27.20 -6.50 2.12
N PHE A 276 26.72 -7.14 1.06
CA PHE A 276 26.23 -8.52 1.16
C PHE A 276 27.38 -9.52 1.03
N GLY A 277 28.33 -9.23 0.14
CA GLY A 277 29.44 -10.14 -0.04
C GLY A 277 29.05 -11.27 -0.98
N ASP A 278 29.60 -12.45 -0.78
CA ASP A 278 29.26 -13.58 -1.63
C ASP A 278 27.92 -14.15 -1.19
N ILE A 279 26.97 -14.20 -2.11
CA ILE A 279 25.65 -14.73 -1.78
C ILE A 279 25.07 -15.57 -2.91
N THR A 280 24.16 -16.47 -2.56
CA THR A 280 23.54 -17.32 -3.56
C THR A 280 22.02 -17.30 -3.40
N LYS A 281 21.56 -17.00 -2.17
CA LYS A 281 20.13 -16.94 -1.86
C LYS A 281 19.54 -15.57 -2.20
N THR A 282 18.21 -15.49 -2.16
CA THR A 282 17.52 -14.24 -2.42
C THR A 282 17.35 -13.60 -1.04
N TYR A 283 17.40 -12.28 -1.00
CA TYR A 283 17.20 -11.56 0.26
C TYR A 283 16.12 -10.51 0.15
N VAL A 284 15.47 -10.25 1.27
CA VAL A 284 14.44 -9.23 1.34
C VAL A 284 14.91 -8.16 2.31
N VAL A 285 14.86 -6.91 1.87
CA VAL A 285 15.25 -5.81 2.74
C VAL A 285 13.98 -5.01 2.98
N LEU A 286 13.58 -4.93 4.25
CA LEU A 286 12.39 -4.17 4.61
C LEU A 286 12.85 -2.77 5.00
N VAL A 287 12.42 -1.79 4.22
CA VAL A 287 12.80 -0.41 4.47
C VAL A 287 11.69 0.43 5.10
N GLU A 288 12.05 1.17 6.14
CA GLU A 288 11.13 2.07 6.82
C GLU A 288 11.84 3.41 6.84
N GLY A 289 11.48 4.28 5.90
CA GLY A 289 12.11 5.57 5.83
C GLY A 289 11.15 6.72 5.90
N HIS A 290 11.65 7.90 5.53
CA HIS A 290 10.86 9.12 5.52
C HIS A 290 11.15 9.93 4.25
N TYR A 291 10.31 10.93 4.01
CA TYR A 291 10.51 11.81 2.89
C TYR A 291 10.34 13.20 3.48
N ASP A 292 10.83 14.23 2.80
CA ASP A 292 10.75 15.58 3.33
C ASP A 292 9.41 16.28 3.06
N ASN A 293 9.39 17.60 3.18
CA ASN A 293 8.17 18.38 2.99
C ASN A 293 8.15 19.24 1.73
N THR A 294 9.08 18.98 0.81
CA THR A 294 9.12 19.74 -0.43
C THR A 294 7.88 19.44 -1.26
N GLY A 295 7.22 18.33 -0.96
CA GLY A 295 6.04 17.95 -1.71
C GLY A 295 6.43 17.24 -3.00
N LYS A 296 7.74 17.09 -3.21
CA LYS A 296 8.23 16.42 -4.40
C LYS A 296 7.85 14.94 -4.35
N ASN A 297 7.71 14.32 -5.50
CA ASN A 297 7.38 12.91 -5.53
C ASN A 297 8.49 12.14 -4.80
N LEU A 298 8.11 11.01 -4.22
CA LEU A 298 9.08 10.16 -3.54
C LEU A 298 9.68 9.27 -4.62
N LYS A 299 10.92 9.56 -4.97
CA LYS A 299 11.62 8.80 -5.99
C LYS A 299 12.76 8.02 -5.36
N THR A 300 12.83 6.73 -5.62
CA THR A 300 13.91 5.93 -5.08
C THR A 300 14.56 5.11 -6.19
N GLN A 301 15.76 4.62 -5.91
CA GLN A 301 16.50 3.81 -6.86
C GLN A 301 17.35 2.80 -6.09
N VAL A 302 17.16 1.52 -6.39
CA VAL A 302 17.96 0.49 -5.74
C VAL A 302 18.94 -0.10 -6.76
N ILE A 303 20.20 -0.18 -6.35
CA ILE A 303 21.24 -0.68 -7.22
C ILE A 303 21.96 -1.88 -6.62
N GLN A 304 22.25 -2.87 -7.46
CA GLN A 304 22.98 -4.05 -7.00
C GLN A 304 24.18 -4.19 -7.92
N GLU A 305 25.32 -4.45 -7.31
CA GLU A 305 26.57 -4.53 -8.04
C GLU A 305 27.36 -5.76 -7.58
N ASN A 306 28.08 -6.38 -8.50
CA ASN A 306 28.86 -7.55 -8.14
C ASN A 306 29.81 -8.05 -9.23
N VAL A 307 30.67 -8.97 -8.85
CA VAL A 307 31.63 -9.60 -9.75
C VAL A 307 31.43 -11.10 -9.62
N ASP A 308 32.19 -11.85 -10.41
CA ASP A 308 32.10 -13.30 -10.40
C ASP A 308 32.84 -13.90 -9.19
N PRO A 309 32.14 -14.69 -8.38
CA PRO A 309 32.72 -15.31 -7.19
C PRO A 309 34.06 -16.00 -7.46
N VAL A 310 34.11 -16.78 -8.53
CA VAL A 310 35.31 -17.53 -8.89
C VAL A 310 36.47 -16.72 -9.46
N THR A 311 36.20 -15.88 -10.45
CA THR A 311 37.26 -15.08 -11.06
C THR A 311 37.40 -13.67 -10.48
N ASN A 312 36.40 -13.22 -9.74
CA ASN A 312 36.42 -11.88 -9.17
C ASN A 312 36.48 -10.86 -10.29
N ARG A 313 35.96 -11.26 -11.46
CA ARG A 313 35.92 -10.42 -12.64
C ARG A 313 34.48 -10.45 -13.16
N ASP A 314 34.30 -10.10 -14.43
CA ASP A 314 32.99 -10.11 -15.05
C ASP A 314 32.00 -9.26 -14.26
N TYR A 315 32.34 -7.99 -14.10
CA TYR A 315 31.54 -7.02 -13.36
C TYR A 315 30.14 -6.82 -13.94
N SER A 316 29.17 -6.66 -13.04
CA SER A 316 27.77 -6.46 -13.42
C SER A 316 27.05 -5.51 -12.43
N ILE A 317 26.13 -4.70 -12.95
CA ILE A 317 25.37 -3.77 -12.13
C ILE A 317 23.97 -3.61 -12.69
N PHE A 318 22.98 -3.58 -11.81
CA PHE A 318 21.59 -3.46 -12.22
C PHE A 318 20.84 -2.50 -11.29
N GLY A 319 19.95 -1.70 -11.86
CA GLY A 319 19.19 -0.75 -11.06
C GLY A 319 17.68 -0.83 -11.23
N TRP A 320 16.94 -0.35 -10.25
CA TRP A 320 15.48 -0.40 -10.30
C TRP A 320 14.90 0.88 -9.68
N ASN A 321 13.99 1.53 -10.40
CA ASN A 321 13.36 2.75 -9.93
C ASN A 321 11.98 2.57 -9.33
N ASN A 322 11.66 3.48 -8.42
CA ASN A 322 10.36 3.52 -7.75
C ASN A 322 9.96 5.00 -7.69
N GLU A 323 8.66 5.26 -7.67
CA GLU A 323 8.15 6.61 -7.61
C GLU A 323 6.68 6.63 -7.19
N ASN A 324 6.40 7.33 -6.08
CA ASN A 324 5.04 7.45 -5.58
C ASN A 324 4.76 8.92 -5.31
N VAL A 325 3.54 9.33 -5.63
CA VAL A 325 3.15 10.71 -5.41
C VAL A 325 2.93 10.87 -3.90
N VAL A 326 3.28 12.04 -3.38
CA VAL A 326 3.13 12.32 -1.95
C VAL A 326 1.97 13.29 -1.73
N ARG A 327 1.50 13.89 -2.82
CA ARG A 327 0.41 14.86 -2.77
C ARG A 327 -0.78 14.39 -1.94
N TYR A 328 -1.29 15.29 -1.12
CA TYR A 328 -2.45 15.01 -0.28
C TYR A 328 -3.24 16.31 -0.15
N GLY A 329 -4.08 16.57 -1.14
CA GLY A 329 -4.89 17.77 -1.14
C GLY A 329 -5.59 17.99 0.19
N GLY A 330 -5.89 19.25 0.51
CA GLY A 330 -6.58 19.54 1.75
C GLY A 330 -5.67 20.31 2.68
N GLY A 331 -5.96 20.25 3.97
CA GLY A 331 -5.14 20.97 4.93
C GLY A 331 -5.43 20.56 6.36
N SER A 332 -4.53 20.94 7.26
CA SER A 332 -4.67 20.63 8.67
C SER A 332 -4.42 21.88 9.50
N ALA A 333 -5.22 22.08 10.54
CA ALA A 333 -5.08 23.23 11.42
C ALA A 333 -5.53 22.87 12.84
N ASP A 334 -4.82 23.38 13.83
CA ASP A 334 -5.15 23.11 15.22
C ASP A 334 -4.83 24.30 16.12
N GLY A 335 -5.74 24.60 17.03
CA GLY A 335 -5.53 25.69 17.96
C GLY A 335 -5.82 25.24 19.37
N ASP A 336 -5.69 26.16 20.32
CA ASP A 336 -5.95 25.84 21.72
C ASP A 336 -7.09 26.73 22.18
N SER A 337 -7.94 26.22 23.05
CA SER A 337 -9.03 27.02 23.57
C SER A 337 -8.41 28.00 24.56
N ALA A 338 -8.92 29.24 24.54
CA ALA A 338 -8.40 30.30 25.43
C ALA A 338 -8.78 30.07 26.89
N VAL A 339 -7.89 30.46 27.78
CA VAL A 339 -8.12 30.31 29.21
C VAL A 339 -8.98 31.47 29.70
#